data_8EA0
#
_entry.id   8EA0
#
_cell.length_a   1.00
_cell.length_b   1.00
_cell.length_c   1.00
_cell.angle_alpha   90.00
_cell.angle_beta   90.00
_cell.angle_gamma   90.00
#
_symmetry.space_group_name_H-M   'P 1'
#
loop_
_entity.id
_entity.type
_entity.pdbx_description
1 polymer 'Muscarinic acetylcholine receptor M3'
2 non-polymer 4-(4,5-dihydro-1,2-oxazol-3-yloxy)-N,N,N-trimethylbut-2-yn-1-aminium
3 non-polymer 'CHOLESTEROL HEMISUCCINATE'
#
_entity_poly.entity_id   1
_entity_poly.type   'polypeptide(L)'
_entity_poly.pdbx_seq_one_letter_code
;AGNFSSPDGTTDDPLGGHTVWQVVFIAFLTGILALVTIIGNILVIVSFKVNKQLKTVNNYFLLSLACADLIIGVISMNLF
TTYIIMNRWALGNLACDLWLAIDYVASNASVMNLLVISFDRYFSITRPLTYRAKRTTKRAGVMIGLAWVISFVLWAPAIL
FWQYFVGKRTVPPGECFIQFLSEPTITFGTAIAAFYMPVTIMTILYWRIYKETEKRTKELAGLQASGTEAETENFVHPAK
RFALKTRSQITKRKRMSLVKEKKAAQTLSAILLAFIITWTPYNIMVLVNTFCDSCIPKTFWNLGYWLCYINSTVNPVCYA
LCNKTFRTTFKMLLLCQCDKKKRRKQQYQQRQSVIFHKRAPEQALGGSGGGGSGGSSSGGGGSGGGGSGGSSSGGVFTLE
DFVGDWEQTAAYNLDQVLEQGGVSSLLQNLAVSVTPIQRIVRSGENALKIDIHVIIPYEGLSADQMAQIEEVFKVVYPVD
DHHFKVILPYGTLVIDGVTPNMLNYFGRPYEGIAVFDGKKITVTGTLWNGNKIIDERLITPDGSMLFRVTINSGGSGGHH
HHHHHHHH
;
_entity_poly.pdbx_strand_id   A
#
loop_
_chem_comp.id
_chem_comp.type
_chem_comp.name
_chem_comp.formula
IXO non-polymer 4-(4,5-dihydro-1,2-oxazol-3-yloxy)-N,N,N-trimethylbut-2-yn-1-aminium 'C10 H17 N2 O2 1'
Y01 non-polymer 'CHOLESTEROL HEMISUCCINATE' 'C31 H50 O4'
#
# COMPACT_ATOMS: atom_id res chain seq x y z
N PRO A 14 27.34 0.20 -8.05
CA PRO A 14 27.25 1.65 -7.79
C PRO A 14 27.20 2.47 -9.06
N LEU A 15 28.02 2.08 -10.04
CA LEU A 15 28.09 2.76 -11.34
C LEU A 15 28.37 4.25 -11.16
N GLY A 16 27.32 5.07 -11.20
CA GLY A 16 27.45 6.49 -10.99
C GLY A 16 27.47 6.94 -9.55
N GLY A 17 27.31 6.02 -8.61
CA GLY A 17 27.33 6.35 -7.20
C GLY A 17 28.73 6.43 -6.62
N HIS A 18 29.44 7.53 -6.92
CA HIS A 18 30.79 7.69 -6.43
C HIS A 18 30.82 7.78 -4.91
N THR A 19 32.00 7.56 -4.34
CA THR A 19 32.22 7.53 -2.90
C THR A 19 31.31 6.48 -2.23
N VAL A 20 31.57 5.22 -2.61
CA VAL A 20 30.77 4.10 -2.16
C VAL A 20 30.83 3.89 -0.65
N TRP A 21 31.87 4.43 0.00
CA TRP A 21 32.02 4.24 1.44
C TRP A 21 30.91 4.91 2.23
N GLN A 22 30.17 5.85 1.63
CA GLN A 22 29.10 6.55 2.30
C GLN A 22 27.72 6.27 1.72
N VAL A 23 27.62 5.65 0.54
CA VAL A 23 26.33 5.34 -0.05
C VAL A 23 25.79 3.98 0.38
N VAL A 24 26.57 3.21 1.13
CA VAL A 24 26.08 1.94 1.66
C VAL A 24 25.03 2.18 2.74
N PHE A 25 24.95 3.39 3.28
CA PHE A 25 23.96 3.69 4.31
C PHE A 25 22.54 3.56 3.76
N ILE A 26 22.29 4.04 2.54
CA ILE A 26 20.96 3.93 1.97
C ILE A 26 20.67 2.50 1.56
N ALA A 27 21.69 1.75 1.13
CA ALA A 27 21.51 0.35 0.79
C ALA A 27 21.20 -0.49 2.03
N PHE A 28 21.95 -0.25 3.12
CA PHE A 28 21.74 -1.01 4.34
C PHE A 28 20.37 -0.72 4.95
N LEU A 29 19.97 0.56 4.99
CA LEU A 29 18.66 0.91 5.52
C LEU A 29 17.54 0.31 4.68
N THR A 30 17.70 0.35 3.35
CA THR A 30 16.68 -0.19 2.47
C THR A 30 16.50 -1.69 2.67
N GLY A 31 17.61 -2.41 2.83
CA GLY A 31 17.52 -3.85 3.05
C GLY A 31 16.80 -4.19 4.34
N ILE A 32 17.04 -3.41 5.40
CA ILE A 32 16.36 -3.64 6.67
C ILE A 32 14.86 -3.43 6.51
N LEU A 33 14.46 -2.35 5.84
CA LEU A 33 13.04 -2.07 5.66
C LEU A 33 12.37 -3.10 4.77
N ALA A 34 13.07 -3.60 3.76
CA ALA A 34 12.52 -4.67 2.93
C ALA A 34 12.35 -5.95 3.73
N LEU A 35 13.31 -6.27 4.62
CA LEU A 35 13.19 -7.47 5.44
C LEU A 35 12.01 -7.38 6.39
N VAL A 36 11.79 -6.21 7.00
CA VAL A 36 10.70 -6.06 7.95
C VAL A 36 9.36 -6.24 7.26
N THR A 37 9.20 -5.68 6.07
CA THR A 37 7.95 -5.82 5.33
C THR A 37 7.68 -7.28 4.99
N ILE A 38 8.70 -8.01 4.55
CA ILE A 38 8.51 -9.42 4.23
C ILE A 38 8.27 -10.23 5.49
N ILE A 39 9.05 -9.98 6.54
CA ILE A 39 8.89 -10.73 7.79
C ILE A 39 7.54 -10.43 8.43
N GLY A 40 7.17 -9.15 8.48
CA GLY A 40 5.93 -8.78 9.14
C GLY A 40 4.70 -9.30 8.42
N ASN A 41 4.68 -9.21 7.10
CA ASN A 41 3.50 -9.63 6.35
C ASN A 41 3.37 -11.15 6.25
N ILE A 42 4.49 -11.86 6.22
CA ILE A 42 4.44 -13.33 6.25
C ILE A 42 3.86 -13.81 7.57
N LEU A 43 4.20 -13.13 8.66
CA LEU A 43 3.67 -13.50 9.97
C LEU A 43 2.16 -13.41 10.00
N VAL A 44 1.59 -12.40 9.35
CA VAL A 44 0.13 -12.29 9.26
C VAL A 44 -0.44 -13.48 8.52
N ILE A 45 0.21 -13.91 7.45
CA ILE A 45 -0.31 -15.02 6.65
C ILE A 45 -0.23 -16.32 7.42
N VAL A 46 0.91 -16.61 8.04
CA VAL A 46 1.08 -17.88 8.72
C VAL A 46 0.30 -17.93 10.02
N SER A 47 0.11 -16.79 10.70
CA SER A 47 -0.71 -16.78 11.90
C SER A 47 -2.16 -17.11 11.58
N PHE A 48 -2.65 -16.66 10.42
CA PHE A 48 -4.00 -17.00 9.99
C PHE A 48 -4.16 -18.50 9.81
N LYS A 49 -3.16 -19.16 9.23
CA LYS A 49 -3.26 -20.59 8.95
C LYS A 49 -3.20 -21.43 10.23
N VAL A 50 -2.31 -21.07 11.16
CA VAL A 50 -2.07 -21.92 12.32
C VAL A 50 -3.04 -21.67 13.48
N ASN A 51 -3.70 -20.52 13.51
CA ASN A 51 -4.64 -20.18 14.58
C ASN A 51 -6.06 -20.42 14.09
N LYS A 52 -6.76 -21.36 14.73
CA LYS A 52 -8.12 -21.68 14.32
C LYS A 52 -9.08 -20.52 14.54
N GLN A 53 -8.95 -19.83 15.69
CA GLN A 53 -9.87 -18.75 16.01
C GLN A 53 -9.69 -17.55 15.08
N LEU A 54 -8.56 -17.44 14.40
CA LEU A 54 -8.31 -16.33 13.48
C LEU A 54 -8.86 -16.58 12.09
N LYS A 55 -9.32 -17.80 11.79
CA LYS A 55 -9.80 -18.14 10.46
C LYS A 55 -11.26 -17.73 10.30
N THR A 56 -11.57 -16.47 10.55
CA THR A 56 -12.91 -15.95 10.39
C THR A 56 -12.98 -15.08 9.14
N VAL A 57 -14.21 -14.79 8.72
CA VAL A 57 -14.39 -13.97 7.52
C VAL A 57 -13.95 -12.53 7.76
N ASN A 58 -13.87 -12.11 9.03
CA ASN A 58 -13.34 -10.78 9.35
C ASN A 58 -11.88 -10.65 8.92
N ASN A 59 -11.08 -11.69 9.15
CA ASN A 59 -9.65 -11.62 8.87
C ASN A 59 -9.31 -11.91 7.42
N TYR A 60 -10.29 -12.19 6.57
CA TYR A 60 -10.01 -12.39 5.15
C TYR A 60 -9.44 -11.13 4.52
N PHE A 61 -9.97 -9.96 4.91
CA PHE A 61 -9.46 -8.70 4.39
C PHE A 61 -8.03 -8.46 4.82
N LEU A 62 -7.70 -8.80 6.07
CA LEU A 62 -6.32 -8.67 6.53
C LEU A 62 -5.38 -9.59 5.76
N LEU A 63 -5.83 -10.81 5.47
CA LEU A 63 -5.03 -11.72 4.66
C LEU A 63 -4.82 -11.18 3.25
N SER A 64 -5.88 -10.60 2.67
CA SER A 64 -5.76 -9.99 1.35
C SER A 64 -4.85 -8.77 1.39
N LEU A 65 -4.92 -7.99 2.48
CA LEU A 65 -4.04 -6.84 2.62
C LEU A 65 -2.58 -7.26 2.73
N ALA A 66 -2.31 -8.36 3.44
CA ALA A 66 -0.94 -8.83 3.58
C ALA A 66 -0.38 -9.38 2.29
N CYS A 67 -1.24 -9.96 1.44
CA CYS A 67 -0.77 -10.49 0.16
C CYS A 67 -0.26 -9.37 -0.74
N ALA A 68 -0.98 -8.25 -0.80
CA ALA A 68 -0.53 -7.11 -1.59
C ALA A 68 0.75 -6.52 -1.03
N ASP A 69 0.85 -6.41 0.30
CA ASP A 69 2.05 -5.85 0.91
C ASP A 69 3.25 -6.78 0.75
N LEU A 70 3.02 -8.09 0.69
CA LEU A 70 4.11 -9.03 0.47
C LEU A 70 4.74 -8.84 -0.90
N ILE A 71 3.92 -8.62 -1.93
CA ILE A 71 4.44 -8.37 -3.27
C ILE A 71 5.27 -7.09 -3.29
N ILE A 72 4.77 -6.05 -2.62
CA ILE A 72 5.51 -4.79 -2.56
C ILE A 72 6.84 -4.97 -1.86
N GLY A 73 6.86 -5.70 -0.74
CA GLY A 73 8.08 -5.89 0.00
C GLY A 73 9.12 -6.70 -0.76
N VAL A 74 8.67 -7.72 -1.50
CA VAL A 74 9.61 -8.62 -2.16
C VAL A 74 10.17 -8.01 -3.43
N ILE A 75 9.29 -7.57 -4.33
CA ILE A 75 9.69 -7.14 -5.66
C ILE A 75 9.80 -5.62 -5.76
N SER A 76 8.77 -4.90 -5.33
CA SER A 76 8.75 -3.45 -5.52
C SER A 76 9.87 -2.77 -4.74
N MET A 77 10.09 -3.19 -3.48
CA MET A 77 11.08 -2.53 -2.65
C MET A 77 12.51 -2.92 -3.01
N ASN A 78 12.70 -4.03 -3.73
CA ASN A 78 14.03 -4.50 -4.10
C ASN A 78 14.45 -4.04 -5.49
N LEU A 79 13.56 -4.18 -6.48
CA LEU A 79 13.90 -3.72 -7.84
C LEU A 79 14.04 -2.21 -7.90
N PHE A 80 13.38 -1.48 -7.00
CA PHE A 80 13.56 -0.03 -6.94
C PHE A 80 14.92 0.33 -6.36
N THR A 81 15.46 -0.51 -5.48
CA THR A 81 16.76 -0.23 -4.88
C THR A 81 17.87 -0.34 -5.91
N THR A 82 17.79 -1.33 -6.80
CA THR A 82 18.76 -1.46 -7.88
C THR A 82 18.69 -0.25 -8.81
N TYR A 83 17.52 0.39 -8.92
CA TYR A 83 17.38 1.60 -9.72
C TYR A 83 18.02 2.81 -9.06
N ILE A 84 18.25 2.78 -7.75
CA ILE A 84 18.79 3.93 -7.02
C ILE A 84 20.31 3.86 -6.98
N ILE A 85 20.85 2.80 -6.37
CA ILE A 85 22.30 2.67 -6.25
C ILE A 85 22.94 2.60 -7.63
N MET A 86 22.41 1.74 -8.49
CA MET A 86 22.79 1.68 -9.90
C MET A 86 21.88 2.66 -10.63
N ASN A 87 22.43 3.84 -10.96
CA ASN A 87 21.62 4.97 -11.37
C ASN A 87 21.21 4.87 -12.84
N ARG A 88 20.65 3.72 -13.24
CA ARG A 88 20.02 3.53 -14.54
C ARG A 88 19.41 2.13 -14.62
N TRP A 89 18.34 2.00 -15.41
CA TRP A 89 17.70 0.70 -15.58
C TRP A 89 18.57 -0.21 -16.44
N ALA A 90 18.70 -1.46 -16.02
CA ALA A 90 19.51 -2.46 -16.72
C ALA A 90 18.75 -3.77 -16.85
N LEU A 91 17.50 -3.70 -17.29
CA LEU A 91 16.70 -4.90 -17.48
C LEU A 91 16.04 -4.99 -18.84
N GLY A 92 15.87 -3.87 -19.55
CA GLY A 92 15.26 -3.88 -20.86
C GLY A 92 13.88 -3.25 -20.85
N ASN A 93 13.38 -3.01 -22.06
CA ASN A 93 12.06 -2.38 -22.21
C ASN A 93 10.96 -3.29 -21.70
N LEU A 94 10.94 -4.54 -22.15
CA LEU A 94 9.93 -5.50 -21.67
C LEU A 94 10.42 -6.24 -20.44
N ALA A 95 10.97 -5.47 -19.49
CA ALA A 95 11.23 -5.94 -18.13
C ALA A 95 10.90 -4.92 -17.06
N CYS A 96 10.72 -3.65 -17.42
CA CYS A 96 10.30 -2.61 -16.49
C CYS A 96 8.82 -2.32 -16.55
N ASP A 97 8.20 -2.53 -17.72
CA ASP A 97 6.74 -2.45 -17.80
C ASP A 97 6.09 -3.48 -16.89
N LEU A 98 6.69 -4.67 -16.81
CA LEU A 98 6.22 -5.66 -15.85
C LEU A 98 6.40 -5.17 -14.42
N TRP A 99 7.53 -4.54 -14.12
CA TRP A 99 7.77 -4.03 -12.77
C TRP A 99 6.80 -2.90 -12.44
N LEU A 100 6.62 -1.95 -13.36
CA LEU A 100 5.71 -0.84 -13.11
C LEU A 100 4.28 -1.32 -12.96
N ALA A 101 3.85 -2.26 -13.81
CA ALA A 101 2.49 -2.78 -13.71
C ALA A 101 2.28 -3.53 -12.40
N ILE A 102 3.23 -4.37 -12.01
CA ILE A 102 3.08 -5.14 -10.77
C ILE A 102 3.12 -4.23 -9.56
N ASP A 103 4.08 -3.31 -9.53
CA ASP A 103 4.22 -2.42 -8.39
C ASP A 103 3.02 -1.50 -8.22
N TYR A 104 2.51 -0.95 -9.32
CA TYR A 104 1.40 0.00 -9.22
C TYR A 104 0.09 -0.72 -8.91
N VAL A 105 -0.11 -1.91 -9.47
CA VAL A 105 -1.33 -2.67 -9.16
C VAL A 105 -1.32 -3.11 -7.70
N ALA A 106 -0.19 -3.62 -7.23
CA ALA A 106 -0.10 -4.06 -5.83
C ALA A 106 -0.25 -2.89 -4.87
N SER A 107 0.36 -1.75 -5.19
CA SER A 107 0.21 -0.57 -4.35
C SER A 107 -1.23 -0.08 -4.33
N ASN A 108 -1.91 -0.13 -5.47
CA ASN A 108 -3.32 0.20 -5.52
C ASN A 108 -4.16 -0.81 -4.75
N ALA A 109 -3.78 -2.08 -4.82
CA ALA A 109 -4.53 -3.12 -4.11
C ALA A 109 -4.48 -2.92 -2.61
N SER A 110 -3.32 -2.52 -2.08
CA SER A 110 -3.22 -2.28 -0.64
C SER A 110 -4.13 -1.15 -0.19
N VAL A 111 -4.18 -0.06 -0.97
CA VAL A 111 -5.04 1.06 -0.62
C VAL A 111 -6.50 0.67 -0.76
N MET A 112 -6.84 -0.08 -1.82
CA MET A 112 -8.21 -0.55 -2.00
C MET A 112 -8.61 -1.54 -0.90
N ASN A 113 -7.66 -2.34 -0.42
CA ASN A 113 -7.95 -3.23 0.70
C ASN A 113 -8.26 -2.45 1.97
N LEU A 114 -7.54 -1.35 2.20
CA LEU A 114 -7.82 -0.51 3.36
C LEU A 114 -9.20 0.11 3.26
N LEU A 115 -9.61 0.52 2.05
CA LEU A 115 -10.94 1.07 1.86
C LEU A 115 -12.01 0.04 2.20
N VAL A 116 -11.81 -1.21 1.76
CA VAL A 116 -12.75 -2.28 2.10
C VAL A 116 -12.71 -2.57 3.60
N ILE A 117 -11.53 -2.50 4.20
CA ILE A 117 -11.41 -2.74 5.64
C ILE A 117 -12.15 -1.67 6.42
N SER A 118 -12.01 -0.40 6.01
CA SER A 118 -12.70 0.69 6.70
C SER A 118 -14.21 0.54 6.59
N PHE A 119 -14.70 0.14 5.42
CA PHE A 119 -16.14 -0.10 5.27
C PHE A 119 -16.60 -1.27 6.13
N ASP A 120 -15.83 -2.35 6.17
CA ASP A 120 -16.19 -3.49 7.01
C ASP A 120 -16.20 -3.10 8.49
N ARG A 121 -15.22 -2.31 8.91
CA ARG A 121 -15.21 -1.82 10.29
C ARG A 121 -16.38 -0.89 10.56
N TYR A 122 -16.72 -0.04 9.59
CA TYR A 122 -17.78 0.94 9.79
C TYR A 122 -19.13 0.27 10.00
N PHE A 123 -19.47 -0.69 9.13
CA PHE A 123 -20.76 -1.37 9.25
C PHE A 123 -20.82 -2.29 10.47
N SER A 124 -19.69 -2.71 11.00
CA SER A 124 -19.66 -3.51 12.21
C SER A 124 -19.87 -2.70 13.47
N ILE A 125 -19.75 -1.38 13.40
CA ILE A 125 -19.97 -0.50 14.55
C ILE A 125 -21.37 0.10 14.53
N THR A 126 -21.86 0.49 13.35
CA THR A 126 -23.19 1.06 13.24
C THR A 126 -24.27 -0.02 13.22
N ARG A 127 -23.94 -1.23 12.77
CA ARG A 127 -24.89 -2.34 12.69
C ARG A 127 -24.28 -3.57 13.34
N PRO A 128 -24.10 -3.56 14.66
CA PRO A 128 -23.53 -4.74 15.32
C PRO A 128 -24.39 -5.99 15.20
N LEU A 129 -25.71 -5.83 15.11
CA LEU A 129 -26.64 -6.94 15.05
C LEU A 129 -27.19 -7.19 13.66
N THR A 130 -26.67 -6.52 12.65
CA THR A 130 -27.25 -6.64 11.31
C THR A 130 -26.22 -6.98 10.23
N TYR A 131 -25.01 -6.44 10.31
CA TYR A 131 -24.09 -6.48 9.18
C TYR A 131 -23.35 -7.82 9.10
N ARG A 132 -22.67 -8.20 10.18
CA ARG A 132 -21.82 -9.38 10.13
C ARG A 132 -22.60 -10.67 9.93
N ALA A 133 -23.91 -10.67 10.19
CA ALA A 133 -24.71 -11.85 9.92
C ALA A 133 -24.92 -12.06 8.43
N LYS A 134 -25.25 -10.99 7.70
CA LYS A 134 -25.51 -11.10 6.27
C LYS A 134 -24.23 -11.21 5.47
N ARG A 135 -23.17 -10.53 5.90
CA ARG A 135 -21.88 -10.55 5.21
C ARG A 135 -21.23 -11.89 5.48
N THR A 136 -21.30 -12.79 4.51
CA THR A 136 -20.80 -14.15 4.63
C THR A 136 -19.50 -14.31 3.83
N THR A 137 -19.01 -15.55 3.75
CA THR A 137 -17.77 -15.82 3.03
C THR A 137 -17.91 -15.48 1.56
N LYS A 138 -19.04 -15.81 0.94
CA LYS A 138 -19.26 -15.48 -0.46
C LYS A 138 -19.44 -13.98 -0.67
N ARG A 139 -19.74 -13.23 0.39
CA ARG A 139 -19.88 -11.78 0.28
C ARG A 139 -18.55 -11.06 0.46
N ALA A 140 -17.62 -11.63 1.23
CA ALA A 140 -16.29 -11.06 1.33
C ALA A 140 -15.44 -11.34 0.10
N GLY A 141 -15.80 -12.35 -0.69
CA GLY A 141 -15.06 -12.62 -1.92
C GLY A 141 -15.20 -11.50 -2.94
N VAL A 142 -16.42 -11.01 -3.14
CA VAL A 142 -16.61 -9.90 -4.08
C VAL A 142 -16.00 -8.62 -3.52
N MET A 143 -15.97 -8.48 -2.19
CA MET A 143 -15.29 -7.33 -1.59
C MET A 143 -13.79 -7.39 -1.87
N ILE A 144 -13.17 -8.55 -1.65
CA ILE A 144 -11.75 -8.71 -1.95
C ILE A 144 -11.54 -8.73 -3.46
N GLY A 145 -12.44 -9.40 -4.20
CA GLY A 145 -12.26 -9.48 -5.64
C GLY A 145 -12.30 -8.12 -6.32
N LEU A 146 -13.25 -7.26 -5.91
CA LEU A 146 -13.34 -5.94 -6.53
C LEU A 146 -12.12 -5.09 -6.23
N ALA A 147 -11.51 -5.26 -5.05
CA ALA A 147 -10.32 -4.49 -4.73
C ALA A 147 -9.16 -4.81 -5.66
N TRP A 148 -8.98 -6.09 -5.99
CA TRP A 148 -7.87 -6.48 -6.86
C TRP A 148 -8.20 -6.27 -8.33
N VAL A 149 -9.44 -6.55 -8.74
CA VAL A 149 -9.80 -6.41 -10.15
C VAL A 149 -9.75 -4.94 -10.57
N ILE A 150 -10.32 -4.05 -9.76
CA ILE A 150 -10.28 -2.63 -10.07
C ILE A 150 -8.85 -2.10 -10.05
N SER A 151 -8.06 -2.55 -9.06
CA SER A 151 -6.65 -2.19 -9.03
C SER A 151 -5.92 -2.75 -10.25
N PHE A 152 -6.37 -3.87 -10.79
CA PHE A 152 -5.75 -4.43 -11.98
C PHE A 152 -6.01 -3.54 -13.19
N VAL A 153 -7.28 -3.35 -13.56
CA VAL A 153 -7.54 -2.44 -14.67
C VAL A 153 -7.74 -1.03 -14.14
N LEU A 154 -6.64 -0.43 -13.70
CA LEU A 154 -6.49 1.02 -13.59
C LEU A 154 -5.10 1.49 -14.00
N TRP A 155 -4.08 0.63 -13.89
CA TRP A 155 -2.70 0.93 -14.24
C TRP A 155 -2.17 -0.01 -15.29
N ALA A 156 -2.37 -1.33 -15.13
CA ALA A 156 -1.70 -2.30 -15.99
C ALA A 156 -2.05 -2.15 -17.46
N PRO A 157 -3.33 -2.06 -17.88
CA PRO A 157 -3.59 -1.81 -19.30
C PRO A 157 -3.01 -0.49 -19.79
N ALA A 158 -3.00 0.54 -18.93
CA ALA A 158 -2.45 1.83 -19.34
C ALA A 158 -0.93 1.83 -19.31
N ILE A 159 -0.32 1.18 -18.32
CA ILE A 159 1.14 1.17 -18.22
C ILE A 159 1.75 0.32 -19.33
N LEU A 160 1.19 -0.87 -19.56
CA LEU A 160 1.81 -1.81 -20.50
C LEU A 160 1.64 -1.38 -21.95
N PHE A 161 0.46 -0.86 -22.29
CA PHE A 161 0.09 -0.64 -23.68
C PHE A 161 0.12 0.82 -24.10
N TRP A 162 0.66 1.72 -23.27
CA TRP A 162 0.73 3.12 -23.66
C TRP A 162 1.70 3.31 -24.83
N GLN A 163 2.84 2.63 -24.80
CA GLN A 163 3.79 2.73 -25.90
C GLN A 163 3.26 2.08 -27.17
N TYR A 164 2.40 1.07 -27.02
CA TYR A 164 1.85 0.34 -28.15
C TYR A 164 0.58 0.98 -28.71
N PHE A 165 0.05 2.01 -28.07
CA PHE A 165 -1.21 2.62 -28.47
C PHE A 165 -1.03 3.99 -29.11
N VAL A 166 -0.36 4.91 -28.43
CA VAL A 166 -0.14 6.27 -28.93
C VAL A 166 1.34 6.41 -29.24
N GLY A 167 1.67 6.60 -30.52
CA GLY A 167 3.06 6.74 -30.92
C GLY A 167 3.83 5.47 -30.63
N LYS A 168 5.00 5.64 -30.00
CA LYS A 168 5.87 4.53 -29.65
C LYS A 168 6.48 4.83 -28.28
N ARG A 169 7.52 4.06 -27.93
CA ARG A 169 8.20 4.26 -26.65
C ARG A 169 8.84 5.65 -26.62
N THR A 170 8.65 6.35 -25.50
CA THR A 170 9.11 7.73 -25.36
C THR A 170 10.09 7.96 -24.21
N VAL A 171 10.15 7.07 -23.23
CA VAL A 171 11.08 7.24 -22.11
C VAL A 171 12.50 7.01 -22.61
N PRO A 172 13.51 7.61 -21.99
CA PRO A 172 14.88 7.31 -22.39
C PRO A 172 15.21 5.86 -22.11
N PRO A 173 16.05 5.25 -22.95
CA PRO A 173 16.39 3.82 -22.73
C PRO A 173 17.04 3.54 -21.39
N GLY A 174 17.83 4.48 -20.85
CA GLY A 174 18.52 4.25 -19.60
C GLY A 174 17.69 4.47 -18.35
N GLU A 175 16.49 5.01 -18.49
CA GLU A 175 15.60 5.28 -17.36
C GLU A 175 14.31 4.48 -17.52
N CYS A 176 13.40 4.65 -16.57
CA CYS A 176 12.12 3.95 -16.61
C CYS A 176 11.10 4.68 -15.75
N PHE A 177 9.94 4.97 -16.32
CA PHE A 177 8.81 5.50 -15.57
C PHE A 177 7.53 5.19 -16.34
N ILE A 178 6.42 5.71 -15.83
CA ILE A 178 5.09 5.27 -16.27
C ILE A 178 4.85 5.66 -17.73
N GLN A 179 5.35 6.81 -18.15
CA GLN A 179 5.36 7.36 -19.51
C GLN A 179 4.02 7.97 -19.93
N PHE A 180 2.96 7.87 -19.13
CA PHE A 180 1.76 8.68 -19.38
C PHE A 180 1.52 9.71 -18.30
N LEU A 181 2.46 9.85 -17.35
CA LEU A 181 2.37 10.92 -16.36
C LEU A 181 2.68 12.29 -16.94
N SER A 182 3.26 12.35 -18.14
CA SER A 182 3.53 13.64 -18.76
C SER A 182 2.25 14.40 -19.08
N GLU A 183 1.23 13.70 -19.59
CA GLU A 183 -0.03 14.34 -19.93
C GLU A 183 -0.82 14.62 -18.66
N PRO A 184 -1.21 15.88 -18.41
CA PRO A 184 -1.96 16.17 -17.18
C PRO A 184 -3.45 15.93 -17.32
N THR A 185 -3.83 14.82 -17.96
CA THR A 185 -5.22 14.42 -18.05
C THR A 185 -5.46 13.04 -17.44
N ILE A 186 -4.71 12.03 -17.85
CA ILE A 186 -4.87 10.69 -17.30
C ILE A 186 -4.24 10.59 -15.92
N THR A 187 -3.19 11.38 -15.65
CA THR A 187 -2.57 11.35 -14.34
C THR A 187 -3.52 11.85 -13.26
N PHE A 188 -4.30 12.88 -13.56
CA PHE A 188 -5.31 13.35 -12.60
C PHE A 188 -6.39 12.31 -12.40
N GLY A 189 -6.83 11.66 -13.47
CA GLY A 189 -7.84 10.62 -13.34
C GLY A 189 -7.34 9.43 -12.53
N THR A 190 -6.09 9.04 -12.75
CA THR A 190 -5.53 7.91 -12.01
C THR A 190 -5.16 8.30 -10.58
N ALA A 191 -4.80 9.55 -10.33
CA ALA A 191 -4.43 9.97 -8.98
C ALA A 191 -5.65 10.05 -8.07
N ILE A 192 -6.73 10.65 -8.55
CA ILE A 192 -7.92 10.78 -7.72
C ILE A 192 -8.58 9.42 -7.47
N ALA A 193 -8.58 8.56 -8.49
CA ALA A 193 -9.19 7.25 -8.36
C ALA A 193 -8.35 6.30 -7.52
N ALA A 194 -7.12 6.66 -7.19
CA ALA A 194 -6.23 5.81 -6.40
C ALA A 194 -5.98 6.33 -5.00
N PHE A 195 -5.82 7.64 -4.83
CA PHE A 195 -5.47 8.21 -3.53
C PHE A 195 -6.53 9.17 -3.00
N TYR A 196 -6.93 10.16 -3.78
CA TYR A 196 -7.77 11.23 -3.24
C TYR A 196 -9.16 10.73 -2.85
N MET A 197 -9.78 9.91 -3.69
CA MET A 197 -11.08 9.34 -3.32
C MET A 197 -11.00 8.42 -2.12
N PRO A 198 -10.07 7.45 -2.04
CA PRO A 198 -10.00 6.62 -0.82
C PRO A 198 -9.70 7.40 0.44
N VAL A 199 -8.89 8.46 0.36
CA VAL A 199 -8.57 9.25 1.55
C VAL A 199 -9.83 9.92 2.09
N THR A 200 -10.64 10.49 1.21
CA THR A 200 -11.86 11.15 1.65
C THR A 200 -12.81 10.17 2.32
N ILE A 201 -12.97 8.98 1.75
CA ILE A 201 -13.91 8.00 2.32
C ILE A 201 -13.39 7.46 3.64
N MET A 202 -12.10 7.13 3.71
CA MET A 202 -11.55 6.59 4.95
C MET A 202 -11.61 7.60 6.09
N THR A 203 -11.29 8.87 5.80
CA THR A 203 -11.36 9.90 6.83
C THR A 203 -12.79 10.12 7.30
N ILE A 204 -13.75 10.12 6.38
CA ILE A 204 -15.15 10.29 6.76
C ILE A 204 -15.64 9.12 7.59
N LEU A 205 -15.29 7.89 7.17
CA LEU A 205 -15.78 6.70 7.87
C LEU A 205 -15.21 6.60 9.27
N TYR A 206 -13.92 6.92 9.44
CA TYR A 206 -13.31 6.83 10.77
C TYR A 206 -13.76 7.96 11.68
N TRP A 207 -14.06 9.13 11.12
CA TRP A 207 -14.69 10.19 11.91
C TRP A 207 -16.09 9.77 12.35
N ARG A 208 -16.83 9.11 11.45
CA ARG A 208 -18.13 8.57 11.83
C ARG A 208 -17.99 7.47 12.89
N ILE A 209 -16.95 6.65 12.76
CA ILE A 209 -16.71 5.59 13.75
C ILE A 209 -16.42 6.20 15.12
N TYR A 210 -15.62 7.27 15.15
CA TYR A 210 -15.28 7.90 16.43
C TYR A 210 -16.51 8.50 17.10
N LYS A 211 -17.42 9.06 16.31
CA LYS A 211 -18.60 9.70 16.88
C LYS A 211 -19.51 8.69 17.58
N GLU A 212 -19.41 7.41 17.26
CA GLU A 212 -20.21 6.39 17.91
C GLU A 212 -19.50 5.70 19.06
N THR A 213 -18.16 5.66 19.06
CA THR A 213 -17.44 5.13 20.20
C THR A 213 -17.58 6.04 21.41
N GLU A 214 -17.55 7.35 21.21
CA GLU A 214 -17.80 8.27 22.31
C GLU A 214 -19.27 8.27 22.71
N LYS A 215 -20.17 8.03 21.75
CA LYS A 215 -21.60 7.96 22.07
C LYS A 215 -21.92 6.74 22.92
N ARG A 216 -21.25 5.61 22.65
CA ARG A 216 -21.48 4.41 23.43
C ARG A 216 -21.06 4.59 24.88
N THR A 217 -19.86 5.13 25.10
CA THR A 217 -19.39 5.35 26.46
C THR A 217 -20.11 6.51 27.14
N LYS A 218 -20.76 7.38 26.38
CA LYS A 218 -21.56 8.45 26.98
C LYS A 218 -22.85 7.90 27.57
N GLU A 219 -23.50 6.98 26.86
CA GLU A 219 -24.72 6.36 27.37
C GLU A 219 -24.43 5.54 28.62
N LEU A 220 -23.32 4.82 28.63
CA LEU A 220 -22.94 3.99 29.77
C LEU A 220 -22.23 4.82 30.83
N GLU A 261 -13.26 6.66 24.08
CA GLU A 261 -12.57 7.81 23.52
C GLU A 261 -11.11 7.85 23.95
N LYS A 262 -10.81 7.17 25.06
CA LYS A 262 -9.43 7.13 25.54
C LYS A 262 -8.53 6.40 24.56
N LYS A 263 -8.99 5.27 24.01
CA LYS A 263 -8.23 4.53 23.02
C LYS A 263 -8.70 4.75 21.60
N ALA A 264 -9.95 5.18 21.41
CA ALA A 264 -10.44 5.46 20.06
C ALA A 264 -9.68 6.62 19.44
N ALA A 265 -9.42 7.68 20.21
CA ALA A 265 -8.68 8.81 19.68
C ALA A 265 -7.25 8.44 19.34
N GLN A 266 -6.62 7.62 20.18
CA GLN A 266 -5.23 7.22 19.93
C GLN A 266 -5.13 6.30 18.73
N THR A 267 -6.01 5.30 18.63
CA THR A 267 -5.89 4.30 17.58
C THR A 267 -6.29 4.87 16.22
N LEU A 268 -7.39 5.61 16.16
CA LEU A 268 -7.87 6.13 14.88
C LEU A 268 -6.91 7.17 14.30
N SER A 269 -6.32 7.99 15.17
CA SER A 269 -5.35 8.98 14.70
C SER A 269 -4.03 8.35 14.29
N ALA A 270 -3.68 7.21 14.86
CA ALA A 270 -2.43 6.54 14.50
C ALA A 270 -2.52 5.82 13.17
N ILE A 271 -3.70 5.30 12.82
CA ILE A 271 -3.81 4.56 11.56
C ILE A 271 -4.01 5.50 10.38
N LEU A 272 -4.70 6.63 10.57
CA LEU A 272 -4.92 7.56 9.47
C LEU A 272 -3.65 8.34 9.14
N LEU A 273 -2.91 8.76 10.17
CA LEU A 273 -1.68 9.50 9.93
C LEU A 273 -0.62 8.64 9.26
N ALA A 274 -0.60 7.35 9.56
CA ALA A 274 0.34 6.45 8.88
C ALA A 274 0.06 6.39 7.39
N PHE A 275 -1.22 6.32 7.01
CA PHE A 275 -1.57 6.32 5.60
C PHE A 275 -1.32 7.68 4.96
N ILE A 276 -1.65 8.76 5.67
CA ILE A 276 -1.51 10.10 5.11
C ILE A 276 -0.05 10.46 4.90
N ILE A 277 0.80 10.19 5.89
CA ILE A 277 2.19 10.63 5.82
C ILE A 277 2.94 9.89 4.71
N THR A 278 2.70 8.59 4.56
CA THR A 278 3.47 7.77 3.64
C THR A 278 2.93 7.76 2.22
N TRP A 279 1.86 8.50 1.93
CA TRP A 279 1.27 8.47 0.60
C TRP A 279 1.11 9.86 0.01
N THR A 280 0.94 10.86 0.86
CA THR A 280 0.71 12.23 0.38
C THR A 280 1.88 12.80 -0.42
N PRO A 281 3.14 12.70 0.02
CA PRO A 281 4.22 13.35 -0.74
C PRO A 281 4.33 12.90 -2.19
N TYR A 282 4.12 11.61 -2.46
CA TYR A 282 4.19 11.15 -3.85
C TYR A 282 3.02 11.68 -4.65
N ASN A 283 1.82 11.67 -4.08
CA ASN A 283 0.64 12.13 -4.80
C ASN A 283 0.59 13.64 -4.96
N ILE A 284 1.42 14.39 -4.23
CA ILE A 284 1.53 15.82 -4.43
C ILE A 284 2.58 16.15 -5.48
N MET A 285 3.73 15.46 -5.43
CA MET A 285 4.79 15.73 -6.40
C MET A 285 4.43 15.23 -7.79
N VAL A 286 3.64 14.15 -7.89
CA VAL A 286 3.27 13.64 -9.21
C VAL A 286 2.37 14.62 -9.94
N LEU A 287 1.49 15.32 -9.21
CA LEU A 287 0.64 16.31 -9.85
C LEU A 287 1.43 17.54 -10.28
N VAL A 288 2.39 17.96 -9.44
CA VAL A 288 3.23 19.10 -9.79
C VAL A 288 4.12 18.76 -10.98
N ASN A 289 4.59 17.51 -11.05
CA ASN A 289 5.51 17.12 -12.10
C ASN A 289 4.87 17.24 -13.49
N THR A 290 3.55 17.05 -13.58
CA THR A 290 2.88 17.16 -14.88
C THR A 290 2.84 18.61 -15.36
N PHE A 291 2.44 19.53 -14.48
CA PHE A 291 2.36 20.94 -14.88
C PHE A 291 3.74 21.56 -15.00
N CYS A 292 4.63 21.25 -14.06
CA CYS A 292 5.99 21.78 -14.09
C CYS A 292 6.84 20.94 -15.05
N ASP A 293 8.09 21.35 -15.24
CA ASP A 293 9.01 20.66 -16.14
C ASP A 293 10.18 20.03 -15.41
N SER A 294 10.97 20.82 -14.67
CA SER A 294 12.14 20.28 -13.99
C SER A 294 12.34 20.92 -12.62
N CYS A 295 11.28 21.41 -11.99
CA CYS A 295 11.42 22.07 -10.69
C CYS A 295 11.40 21.09 -9.53
N ILE A 296 11.08 19.82 -9.78
CA ILE A 296 11.10 18.79 -8.74
C ILE A 296 12.46 18.09 -8.79
N PRO A 297 13.28 18.19 -7.75
CA PRO A 297 14.58 17.52 -7.77
C PRO A 297 14.43 16.01 -7.84
N LYS A 298 15.42 15.37 -8.47
CA LYS A 298 15.40 13.92 -8.60
C LYS A 298 15.48 13.23 -7.23
N THR A 299 16.29 13.78 -6.33
CA THR A 299 16.40 13.20 -4.99
C THR A 299 15.07 13.30 -4.24
N PHE A 300 14.39 14.45 -4.36
CA PHE A 300 13.11 14.62 -3.67
C PHE A 300 12.04 13.69 -4.24
N TRP A 301 12.06 13.47 -5.55
CA TRP A 301 11.09 12.57 -6.16
C TRP A 301 11.31 11.13 -5.69
N ASN A 302 12.56 10.71 -5.57
CA ASN A 302 12.85 9.32 -5.16
C ASN A 302 12.39 9.07 -3.74
N LEU A 303 12.58 10.04 -2.84
CA LEU A 303 12.18 9.85 -1.45
C LEU A 303 10.68 9.66 -1.33
N GLY A 304 9.89 10.47 -2.04
CA GLY A 304 8.46 10.27 -2.04
C GLY A 304 8.05 8.95 -2.68
N TYR A 305 8.77 8.53 -3.72
CA TYR A 305 8.55 7.21 -4.31
C TYR A 305 8.87 6.12 -3.30
N TRP A 306 9.96 6.26 -2.55
CA TRP A 306 10.32 5.26 -1.55
C TRP A 306 9.39 5.30 -0.35
N LEU A 307 8.86 6.48 -0.01
CA LEU A 307 8.02 6.62 1.16
C LEU A 307 6.72 5.83 1.04
N CYS A 308 6.25 5.55 -0.17
CA CYS A 308 5.03 4.78 -0.34
C CYS A 308 5.20 3.35 0.16
N TYR A 309 6.38 2.77 -0.02
CA TYR A 309 6.63 1.40 0.42
C TYR A 309 6.60 1.26 1.94
N ILE A 310 6.70 2.38 2.67
CA ILE A 310 6.66 2.31 4.13
C ILE A 310 5.29 1.88 4.62
N ASN A 311 4.23 2.19 3.85
CA ASN A 311 2.89 1.79 4.26
C ASN A 311 2.75 0.28 4.34
N SER A 312 3.41 -0.45 3.44
CA SER A 312 3.39 -1.90 3.50
C SER A 312 4.08 -2.41 4.76
N THR A 313 5.17 -1.76 5.16
CA THR A 313 5.85 -2.14 6.41
C THR A 313 4.97 -1.89 7.62
N VAL A 314 4.25 -0.76 7.63
CA VAL A 314 3.48 -0.35 8.80
C VAL A 314 2.10 -1.00 8.86
N ASN A 315 1.55 -1.42 7.72
CA ASN A 315 0.20 -1.97 7.70
C ASN A 315 -0.03 -3.14 8.66
N PRO A 316 0.87 -4.12 8.79
CA PRO A 316 0.62 -5.19 9.78
C PRO A 316 0.58 -4.71 11.22
N VAL A 317 1.10 -3.51 11.50
CA VAL A 317 1.06 -3.00 12.86
C VAL A 317 -0.27 -2.31 13.16
N CYS A 318 -0.79 -1.55 12.19
CA CYS A 318 -1.99 -0.77 12.40
C CYS A 318 -3.28 -1.56 12.25
N TYR A 319 -3.22 -2.78 11.73
CA TYR A 319 -4.46 -3.53 11.50
C TYR A 319 -4.45 -4.91 12.12
N ALA A 320 -3.31 -5.59 12.13
CA ALA A 320 -3.23 -6.92 12.73
C ALA A 320 -2.90 -6.85 14.22
N LEU A 321 -1.92 -6.03 14.60
CA LEU A 321 -1.53 -5.91 16.00
C LEU A 321 -2.60 -5.26 16.86
N CYS A 322 -3.61 -4.63 16.26
CA CYS A 322 -4.73 -4.12 17.03
C CYS A 322 -5.50 -5.25 17.68
N ASN A 323 -5.70 -6.35 16.96
CA ASN A 323 -6.35 -7.52 17.53
C ASN A 323 -5.43 -8.20 18.54
N LYS A 324 -5.99 -8.54 19.70
CA LYS A 324 -5.20 -9.21 20.73
C LYS A 324 -4.91 -10.66 20.38
N THR A 325 -5.71 -11.28 19.51
CA THR A 325 -5.45 -12.65 19.11
C THR A 325 -4.28 -12.73 18.14
N PHE A 326 -4.20 -11.80 17.19
CA PHE A 326 -3.03 -11.73 16.31
C PHE A 326 -1.76 -11.43 17.09
N ARG A 327 -1.86 -10.53 18.08
CA ARG A 327 -0.69 -10.14 18.87
C ARG A 327 -0.13 -11.34 19.64
N THR A 328 -1.02 -12.16 20.21
CA THR A 328 -0.57 -13.35 20.92
C THR A 328 0.10 -14.33 19.97
N THR A 329 -0.48 -14.54 18.79
CA THR A 329 0.06 -15.53 17.85
C THR A 329 1.41 -15.09 17.29
N PHE A 330 1.62 -13.78 17.09
CA PHE A 330 2.90 -13.30 16.61
C PHE A 330 4.02 -13.64 17.59
N LYS A 331 3.78 -13.42 18.89
CA LYS A 331 4.78 -13.75 19.89
C LYS A 331 4.98 -15.25 20.01
N MET A 332 3.92 -16.04 19.76
CA MET A 332 4.05 -17.49 19.81
C MET A 332 5.00 -18.00 18.73
N LEU A 333 4.88 -17.46 17.52
CA LEU A 333 5.74 -17.89 16.42
C LEU A 333 7.14 -17.29 16.53
N LEU A 334 7.24 -16.04 16.98
CA LEU A 334 8.54 -15.36 16.99
C LEU A 334 9.44 -15.89 18.10
N LEU A 335 8.88 -16.10 19.29
CA LEU A 335 9.69 -16.50 20.45
C LEU A 335 9.90 -18.01 20.49
N CYS A 336 8.82 -18.77 20.58
CA CYS A 336 8.88 -20.23 20.61
C CYS A 336 8.57 -20.73 19.20
N GLN A 337 9.61 -20.81 18.37
CA GLN A 337 9.43 -21.12 16.96
C GLN A 337 8.70 -22.45 16.78
N CYS A 338 7.65 -22.43 15.96
CA CYS A 338 6.84 -23.60 15.70
C CYS A 338 6.41 -23.66 14.25
C01 IXO B . 4.12 2.54 -6.72
N02 IXO B . 4.44 3.83 -6.04
C03 IXO B . 5.58 3.62 -5.11
C04 IXO B . 4.84 4.83 -7.07
C05 IXO B . 3.24 4.35 -5.29
C06 IXO B . 1.99 3.96 -5.93
C07 IXO B . 0.97 3.64 -6.44
C08 IXO B . -0.30 3.26 -7.05
O09 IXO B . -1.19 4.37 -7.02
C10 IXO B . -1.43 4.93 -5.83
N11 IXO B . -1.03 6.10 -5.41
O12 IXO B . -1.77 6.41 -4.23
C13 IXO B . -2.44 5.23 -3.75
C14 IXO B . -2.26 4.18 -4.82
CAA Y01 C . -11.86 5.19 -5.87
CBA Y01 C . -12.45 3.95 -6.51
CAB Y01 C . -11.65 3.56 -7.73
CAN Y01 C . -13.87 4.27 -6.96
CAJ Y01 C . -14.79 3.11 -6.66
CAO Y01 C . -14.87 2.87 -5.17
CBB Y01 C . -15.38 1.46 -4.93
CAC Y01 C . -14.43 0.47 -5.59
CBE Y01 C . -15.49 1.15 -3.43
CAP Y01 C . -15.87 2.39 -2.60
CAQ Y01 C . -17.20 2.07 -1.90
CBG Y01 C . -17.10 0.55 -1.73
CBI Y01 C . -16.62 0.12 -3.13
CAE Y01 C . -17.76 0.27 -4.17
CAU Y01 C . -16.17 -1.33 -3.01
CAS Y01 C . -17.36 -2.19 -2.59
CBF Y01 C . -18.05 -1.70 -1.30
CBD Y01 C . -18.37 -0.20 -1.37
CAK Y01 C . -18.89 0.28 -0.03
CAI Y01 C . -20.04 -0.55 0.39
CAZ Y01 C . -20.26 -1.78 -0.06
CAV Y01 C . -21.45 -2.54 0.42
CBH Y01 C . -19.36 -2.48 -1.04
CAD Y01 C . -20.14 -2.65 -2.35
CAT Y01 C . -19.00 -3.86 -0.48
CAR Y01 C . -20.26 -4.65 -0.12
CBC Y01 C . -21.01 -3.89 0.97
OAW Y01 C . -22.17 -4.65 1.32
CAY Y01 C . -22.70 -4.40 2.56
OAG Y01 C . -22.10 -3.66 3.31
CAM Y01 C . -24.02 -5.07 2.85
CAL Y01 C . -23.75 -6.28 3.71
CAX Y01 C . -23.11 -7.44 2.92
OAH Y01 C . -23.89 -8.34 2.52
OAF Y01 C . -21.87 -7.42 2.74
#